data_3KWB
#
_entry.id   3KWB
#
_cell.length_a   31.452
_cell.length_b   69.338
_cell.length_c   90.850
_cell.angle_alpha   90.00
_cell.angle_beta   98.83
_cell.angle_gamma   90.00
#
_symmetry.space_group_name_H-M   'P 1 21 1'
#
loop_
_entity.id
_entity.type
_entity.pdbx_description
1 polymer 'Cathepsin K'
2 non-polymer 3,5-dioxo-4-(3-piperidin-1-ylpropyl)-2-[3-(trifluoromethyl)phenyl]-2,3,4,5-tetrahydro-1,2,4-triazine-6-carbonitrile
3 water water
#
_entity_poly.entity_id   1
_entity_poly.type   'polypeptide(L)'
_entity_poly.pdbx_seq_one_letter_code
;APDSVDYRKKGYVTPVKNQGQCGSCWAFSSVGALEGQLKKKTGKLLNLSPQNLVDCVSENDGCGGGYMTNAFQYVQKNRG
IDSEDAYPYVGQEESCMYNPTGKAAKCRGYREIPEGNEKALKRAVARVGPVSVAIDASLTSFQFYSKGVYYDESCNSDNL
NHAVLAVGYGIQKGNKHWIIKNSWGENWGNKGYILMARNKNNACGIANLASFPKM
;
_entity_poly.pdbx_strand_id   X,Y
#
loop_
_chem_comp.id
_chem_comp.type
_chem_comp.name
_chem_comp.formula
ORH non-polymer 3,5-dioxo-4-(3-piperidin-1-ylpropyl)-2-[3-(trifluoromethyl)phenyl]-2,3,4,5-tetrahydro-1,2,4-triazine-6-carbonitrile 'C19 H20 F3 N5 O2'
#
# COMPACT_ATOMS: atom_id res chain seq x y z
N ALA A 1 9.76 22.74 -32.40
CA ALA A 1 9.04 21.86 -31.44
C ALA A 1 7.61 21.55 -31.93
N PRO A 2 7.19 20.29 -31.83
CA PRO A 2 5.86 19.82 -32.24
C PRO A 2 4.73 20.55 -31.53
N ASP A 3 3.58 20.66 -32.19
CA ASP A 3 2.43 21.32 -31.57
C ASP A 3 2.01 20.53 -30.34
N SER A 4 2.26 19.22 -30.38
CA SER A 4 1.94 18.34 -29.24
C SER A 4 2.91 17.17 -29.24
N VAL A 5 3.19 16.64 -28.05
CA VAL A 5 4.12 15.54 -27.88
C VAL A 5 3.65 14.58 -26.79
N ASP A 6 3.92 13.29 -26.96
CA ASP A 6 3.53 12.28 -25.98
C ASP A 6 4.54 11.13 -26.01
N TYR A 7 5.52 11.19 -25.10
CA TYR A 7 6.57 10.17 -25.04
C TYR A 7 6.13 8.77 -24.68
N ARG A 8 4.89 8.63 -24.22
CA ARG A 8 4.36 7.31 -23.91
C ARG A 8 4.26 6.56 -25.23
N LYS A 9 3.97 7.31 -26.29
CA LYS A 9 3.83 6.77 -27.64
C LYS A 9 5.19 6.42 -28.23
N LYS A 10 6.26 6.91 -27.61
CA LYS A 10 7.59 6.64 -28.10
C LYS A 10 8.37 5.66 -27.22
N GLY A 11 7.62 4.92 -26.39
CA GLY A 11 8.22 3.93 -25.52
C GLY A 11 9.17 4.40 -24.43
N TYR A 12 9.05 5.66 -24.02
CA TYR A 12 9.91 6.23 -22.99
C TYR A 12 9.35 6.09 -21.57
N VAL A 13 8.11 5.64 -21.46
CA VAL A 13 7.47 5.60 -20.15
C VAL A 13 6.98 4.26 -19.62
N THR A 14 7.34 3.98 -18.37
CA THR A 14 6.95 2.74 -17.71
C THR A 14 5.56 2.94 -17.11
N PRO A 15 4.90 1.85 -16.70
CA PRO A 15 3.56 1.98 -16.12
C PRO A 15 3.50 2.81 -14.83
N VAL A 16 2.30 3.25 -14.50
CA VAL A 16 2.08 4.04 -13.30
C VAL A 16 2.44 3.23 -12.05
N LYS A 17 3.08 3.90 -11.09
CA LYS A 17 3.51 3.27 -9.85
C LYS A 17 2.69 3.78 -8.67
N ASN A 18 2.83 3.11 -7.53
CA ASN A 18 2.09 3.49 -6.33
C ASN A 18 3.08 3.75 -5.19
N GLN A 19 3.28 5.02 -4.84
CA GLN A 19 4.22 5.36 -3.78
C GLN A 19 3.72 4.98 -2.39
N GLY A 20 2.44 4.69 -2.27
CA GLY A 20 1.87 4.32 -0.98
C GLY A 20 1.72 5.49 -0.03
N GLN A 21 2.05 5.26 1.23
CA GLN A 21 1.96 6.29 2.26
C GLN A 21 3.29 6.94 2.58
N CYS A 22 4.26 6.76 1.70
CA CYS A 22 5.59 7.34 1.87
C CYS A 22 5.62 8.55 0.95
N GLY A 23 6.05 9.70 1.48
CA GLY A 23 6.11 10.91 0.68
C GLY A 23 7.33 10.94 -0.21
N SER A 24 7.46 9.91 -1.04
CA SER A 24 8.60 9.77 -1.93
C SER A 24 8.32 10.15 -3.39
N CYS A 25 7.34 11.02 -3.61
CA CYS A 25 7.03 11.43 -4.98
C CYS A 25 8.28 11.89 -5.75
N TRP A 26 9.18 12.60 -5.07
CA TRP A 26 10.38 13.09 -5.71
C TRP A 26 11.23 11.93 -6.28
N ALA A 27 11.14 10.77 -5.64
CA ALA A 27 11.91 9.60 -6.10
C ALA A 27 11.27 9.02 -7.36
N PHE A 28 9.95 8.91 -7.37
CA PHE A 28 9.28 8.38 -8.54
C PHE A 28 9.46 9.35 -9.71
N SER A 29 9.39 10.66 -9.43
CA SER A 29 9.56 11.67 -10.46
C SER A 29 10.97 11.55 -11.09
N SER A 30 11.98 11.50 -10.24
CA SER A 30 13.37 11.38 -10.68
C SER A 30 13.58 10.10 -11.49
N VAL A 31 13.02 9.00 -11.00
CA VAL A 31 13.13 7.71 -11.66
C VAL A 31 12.45 7.74 -13.03
N GLY A 32 11.30 8.38 -13.12
CA GLY A 32 10.61 8.47 -14.38
C GLY A 32 11.45 9.21 -15.42
N ALA A 33 12.00 10.35 -15.03
CA ALA A 33 12.83 11.14 -15.93
C ALA A 33 14.05 10.32 -16.38
N LEU A 34 14.66 9.60 -15.44
CA LEU A 34 15.82 8.77 -15.74
C LEU A 34 15.48 7.63 -16.69
N GLU A 35 14.34 6.99 -16.46
CA GLU A 35 13.89 5.88 -17.29
C GLU A 35 13.73 6.33 -18.73
N GLY A 36 13.29 7.57 -18.92
CA GLY A 36 13.11 8.09 -20.26
C GLY A 36 14.43 8.27 -20.98
N GLN A 37 15.41 8.84 -20.29
CA GLN A 37 16.72 9.06 -20.91
C GLN A 37 17.43 7.74 -21.19
N LEU A 38 17.33 6.79 -20.27
CA LEU A 38 17.95 5.48 -20.47
C LEU A 38 17.41 4.84 -21.75
N LYS A 39 16.10 4.98 -21.96
CA LYS A 39 15.47 4.42 -23.15
C LYS A 39 16.00 5.12 -24.39
N LYS A 40 16.11 6.43 -24.33
CA LYS A 40 16.60 7.22 -25.45
C LYS A 40 18.04 6.86 -25.78
N LYS A 41 18.82 6.57 -24.75
CA LYS A 41 20.23 6.23 -24.93
C LYS A 41 20.54 4.78 -25.30
N THR A 42 19.84 3.83 -24.69
CA THR A 42 20.11 2.42 -24.96
C THR A 42 19.05 1.71 -25.79
N GLY A 43 17.87 2.29 -25.89
CA GLY A 43 16.80 1.67 -26.65
C GLY A 43 15.99 0.71 -25.81
N LYS A 44 16.39 0.55 -24.55
CA LYS A 44 15.72 -0.36 -23.63
C LYS A 44 14.94 0.41 -22.56
N LEU A 45 13.79 -0.13 -22.19
CA LEU A 45 12.99 0.51 -21.15
C LEU A 45 12.97 -0.38 -19.92
N LEU A 46 13.45 0.16 -18.79
CA LEU A 46 13.49 -0.61 -17.55
C LEU A 46 13.00 0.20 -16.35
N ASN A 47 12.38 -0.50 -15.39
CA ASN A 47 11.90 0.14 -14.17
C ASN A 47 13.11 0.44 -13.28
N LEU A 48 13.31 1.72 -12.95
CA LEU A 48 14.43 2.07 -12.09
C LEU A 48 13.97 2.07 -10.65
N SER A 49 14.91 2.05 -9.70
CA SER A 49 14.57 1.98 -8.29
C SER A 49 14.42 3.27 -7.49
N PRO A 50 13.18 3.62 -7.11
CA PRO A 50 12.93 4.83 -6.32
C PRO A 50 13.33 4.62 -4.84
N GLN A 51 13.23 3.39 -4.36
CA GLN A 51 13.60 3.07 -2.98
C GLN A 51 15.09 3.30 -2.82
N ASN A 52 15.83 3.03 -3.90
CA ASN A 52 17.29 3.22 -3.91
C ASN A 52 17.58 4.70 -3.59
N LEU A 53 16.77 5.59 -4.16
CA LEU A 53 16.94 7.03 -3.93
C LEU A 53 16.48 7.42 -2.54
N VAL A 54 15.29 6.93 -2.16
CA VAL A 54 14.74 7.24 -0.85
C VAL A 54 15.73 6.90 0.28
N ASP A 55 16.33 5.72 0.21
CA ASP A 55 17.26 5.29 1.25
C ASP A 55 18.69 5.84 1.14
N CYS A 56 19.14 6.16 -0.07
CA CYS A 56 20.50 6.59 -0.27
C CYS A 56 20.80 8.07 -0.56
N VAL A 57 19.78 8.87 -0.87
CA VAL A 57 20.02 10.28 -1.13
C VAL A 57 19.95 11.06 0.19
N SER A 58 21.08 11.16 0.86
CA SER A 58 21.17 11.87 2.14
C SER A 58 20.90 13.35 1.99
N GLU A 59 21.00 13.84 0.76
CA GLU A 59 20.74 15.26 0.48
C GLU A 59 19.24 15.51 0.61
N ASN A 60 18.46 14.43 0.63
CA ASN A 60 17.00 14.54 0.76
C ASN A 60 16.53 13.99 2.09
N ASP A 61 15.22 13.92 2.30
CA ASP A 61 14.66 13.43 3.57
C ASP A 61 13.85 12.13 3.46
N GLY A 62 14.18 11.26 2.51
CA GLY A 62 13.44 10.02 2.37
C GLY A 62 11.96 10.26 2.15
N CYS A 63 11.12 9.57 2.90
CA CYS A 63 9.66 9.72 2.77
C CYS A 63 9.24 11.10 3.28
N GLY A 64 10.14 11.75 4.01
CA GLY A 64 9.84 13.05 4.56
C GLY A 64 10.02 14.21 3.61
N GLY A 65 10.48 13.94 2.39
CA GLY A 65 10.67 14.99 1.42
C GLY A 65 12.00 14.93 0.68
N GLY A 66 12.11 15.75 -0.36
CA GLY A 66 13.33 15.78 -1.15
C GLY A 66 13.12 16.40 -2.52
N TYR A 67 14.23 16.61 -3.23
CA TYR A 67 14.21 17.21 -4.56
C TYR A 67 14.76 16.26 -5.61
N MET A 68 14.23 16.35 -6.82
CA MET A 68 14.69 15.52 -7.92
C MET A 68 16.13 15.86 -8.31
N THR A 69 16.49 17.12 -8.17
CA THR A 69 17.85 17.55 -8.49
C THR A 69 18.88 16.79 -7.65
N ASN A 70 18.61 16.63 -6.36
CA ASN A 70 19.52 15.91 -5.48
C ASN A 70 19.59 14.45 -5.89
N ALA A 71 18.49 13.92 -6.42
CA ALA A 71 18.44 12.53 -6.84
C ALA A 71 19.35 12.31 -8.05
N PHE A 72 19.23 13.17 -9.05
CA PHE A 72 20.06 13.05 -10.25
C PHE A 72 21.54 13.15 -9.88
N GLN A 73 21.87 14.05 -8.96
CA GLN A 73 23.26 14.21 -8.54
C GLN A 73 23.75 12.96 -7.84
N TYR A 74 22.90 12.33 -7.05
CA TYR A 74 23.26 11.10 -6.34
C TYR A 74 23.62 10.01 -7.33
N VAL A 75 22.78 9.82 -8.34
CA VAL A 75 23.02 8.80 -9.35
C VAL A 75 24.35 9.02 -10.03
N GLN A 76 24.66 10.28 -10.34
CA GLN A 76 25.92 10.65 -10.98
C GLN A 76 27.09 10.33 -10.05
N LYS A 77 27.05 10.92 -8.84
CA LYS A 77 28.13 10.70 -7.87
C LYS A 77 28.26 9.24 -7.44
N ASN A 78 27.12 8.57 -7.23
CA ASN A 78 27.11 7.17 -6.81
C ASN A 78 27.55 6.26 -7.95
N ARG A 79 27.64 6.83 -9.14
CA ARG A 79 28.02 6.10 -10.35
C ARG A 79 26.99 5.04 -10.74
N GLY A 80 25.71 5.33 -10.50
CA GLY A 80 24.68 4.38 -10.87
C GLY A 80 23.49 4.28 -9.92
N ILE A 81 22.42 3.68 -10.44
CA ILE A 81 21.20 3.46 -9.68
C ILE A 81 20.74 2.06 -10.04
N ASP A 82 20.19 1.35 -9.06
CA ASP A 82 19.72 -0.01 -9.30
C ASP A 82 18.38 -0.06 -10.01
N SER A 83 18.08 -1.23 -10.57
CA SER A 83 16.81 -1.48 -11.25
C SER A 83 15.81 -1.69 -10.12
N GLU A 84 14.54 -1.49 -10.42
CA GLU A 84 13.50 -1.70 -9.42
C GLU A 84 13.55 -3.14 -8.93
N ASP A 85 13.84 -4.07 -9.83
CA ASP A 85 13.91 -5.48 -9.47
C ASP A 85 15.04 -5.79 -8.51
N ALA A 86 16.15 -5.08 -8.66
CA ALA A 86 17.32 -5.29 -7.81
C ALA A 86 17.21 -4.59 -6.46
N TYR A 87 16.29 -3.63 -6.36
CA TYR A 87 16.08 -2.85 -5.14
C TYR A 87 14.61 -2.44 -5.15
N PRO A 88 13.71 -3.40 -4.93
CA PRO A 88 12.25 -3.23 -4.90
C PRO A 88 11.76 -2.09 -4.02
N TYR A 89 10.56 -1.59 -4.32
CA TYR A 89 9.98 -0.50 -3.55
C TYR A 89 9.17 -1.00 -2.35
N VAL A 90 9.38 -0.40 -1.19
CA VAL A 90 8.64 -0.78 0.01
C VAL A 90 7.96 0.47 0.57
N GLY A 91 8.55 1.64 0.30
CA GLY A 91 7.98 2.88 0.79
C GLY A 91 8.09 3.03 2.29
N GLN A 92 9.27 2.73 2.80
CA GLN A 92 9.54 2.82 4.22
C GLN A 92 11.00 3.19 4.37
N GLU A 93 11.33 3.89 5.45
CA GLU A 93 12.71 4.31 5.69
C GLU A 93 13.58 3.11 6.06
N GLU A 94 14.72 2.99 5.37
CA GLU A 94 15.67 1.91 5.61
C GLU A 94 17.06 2.42 5.26
N SER A 95 18.08 1.85 5.87
CA SER A 95 19.45 2.27 5.58
C SER A 95 19.70 1.95 4.10
N CYS A 96 20.65 2.67 3.50
CA CYS A 96 20.97 2.47 2.10
C CYS A 96 21.51 1.06 1.87
N MET A 97 20.96 0.39 0.86
CA MET A 97 21.36 -0.97 0.53
C MET A 97 21.74 -1.11 -0.94
N TYR A 98 22.20 0.00 -1.53
CA TYR A 98 22.60 0.02 -2.93
C TYR A 98 23.60 -1.10 -3.25
N ASN A 99 23.43 -1.75 -4.39
CA ASN A 99 24.33 -2.81 -4.80
C ASN A 99 24.68 -2.60 -6.27
N PRO A 100 25.95 -2.26 -6.56
CA PRO A 100 26.41 -2.03 -7.92
C PRO A 100 26.08 -3.13 -8.94
N THR A 101 25.98 -4.38 -8.48
CA THR A 101 25.68 -5.48 -9.41
C THR A 101 24.29 -5.34 -10.03
N GLY A 102 23.41 -4.62 -9.35
CA GLY A 102 22.06 -4.42 -9.86
C GLY A 102 21.89 -3.11 -10.63
N LYS A 103 23.00 -2.42 -10.84
CA LYS A 103 23.01 -1.15 -11.55
C LYS A 103 22.33 -1.27 -12.91
N ALA A 104 21.45 -0.34 -13.23
CA ALA A 104 20.73 -0.38 -14.50
C ALA A 104 20.76 0.94 -15.26
N ALA A 105 21.35 1.96 -14.66
CA ALA A 105 21.45 3.27 -15.30
C ALA A 105 22.42 4.18 -14.55
N LYS A 106 23.05 5.09 -15.31
CA LYS A 106 23.99 6.05 -14.75
C LYS A 106 23.50 7.46 -15.11
N CYS A 107 24.16 8.48 -14.57
CA CYS A 107 23.75 9.86 -14.84
C CYS A 107 24.97 10.78 -14.97
N ARG A 108 24.92 11.68 -15.95
CA ARG A 108 26.01 12.63 -16.20
C ARG A 108 25.69 14.02 -15.67
N GLY A 109 24.63 14.12 -14.88
CA GLY A 109 24.26 15.42 -14.36
C GLY A 109 22.83 15.76 -14.68
N TYR A 110 22.50 17.05 -14.63
CA TYR A 110 21.14 17.49 -14.90
C TYR A 110 21.09 18.97 -15.28
N ARG A 111 19.96 19.36 -15.87
CA ARG A 111 19.73 20.73 -16.29
C ARG A 111 18.38 21.18 -15.72
N GLU A 112 18.25 22.48 -15.45
CA GLU A 112 17.01 23.02 -14.91
C GLU A 112 16.42 23.99 -15.92
N ILE A 113 15.10 24.00 -16.03
CA ILE A 113 14.49 24.94 -16.96
C ILE A 113 14.18 26.23 -16.22
N PRO A 114 14.29 27.37 -16.91
CA PRO A 114 14.02 28.67 -16.30
C PRO A 114 12.73 28.64 -15.50
N GLU A 115 12.83 28.99 -14.22
CA GLU A 115 11.70 29.01 -13.32
C GLU A 115 10.48 29.73 -13.88
N GLY A 116 9.34 29.03 -13.91
CA GLY A 116 8.10 29.61 -14.39
C GLY A 116 8.01 29.82 -15.90
N ASN A 117 8.96 29.29 -16.65
CA ASN A 117 8.94 29.45 -18.10
C ASN A 117 8.30 28.23 -18.73
N GLU A 118 7.00 28.28 -19.00
CA GLU A 118 6.33 27.15 -19.62
C GLU A 118 6.78 26.95 -21.06
N LYS A 119 7.21 28.04 -21.69
CA LYS A 119 7.68 27.96 -23.07
C LYS A 119 8.98 27.16 -23.08
N ALA A 120 9.80 27.37 -22.06
CA ALA A 120 11.07 26.65 -21.95
C ALA A 120 10.76 25.19 -21.64
N LEU A 121 9.76 24.97 -20.79
CA LEU A 121 9.38 23.62 -20.41
C LEU A 121 8.92 22.84 -21.62
N LYS A 122 8.11 23.50 -22.46
CA LYS A 122 7.60 22.88 -23.67
C LYS A 122 8.76 22.40 -24.54
N ARG A 123 9.68 23.32 -24.84
CA ARG A 123 10.83 23.01 -25.65
C ARG A 123 11.69 21.90 -25.05
N ALA A 124 11.87 21.94 -23.73
CA ALA A 124 12.65 20.92 -23.04
C ALA A 124 12.02 19.55 -23.23
N VAL A 125 10.72 19.45 -22.93
CA VAL A 125 10.02 18.18 -23.08
C VAL A 125 10.10 17.66 -24.51
N ALA A 126 9.83 18.52 -25.50
CA ALA A 126 9.87 18.11 -26.90
C ALA A 126 11.23 17.59 -27.34
N ARG A 127 12.28 18.19 -26.83
CA ARG A 127 13.64 17.80 -27.19
C ARG A 127 14.26 16.67 -26.38
N VAL A 128 14.06 16.70 -25.08
CA VAL A 128 14.65 15.72 -24.16
C VAL A 128 13.82 14.46 -23.89
N GLY A 129 12.55 14.67 -23.56
CA GLY A 129 11.69 13.55 -23.23
C GLY A 129 11.02 13.88 -21.91
N PRO A 130 10.58 12.89 -21.13
CA PRO A 130 9.92 13.15 -19.85
C PRO A 130 10.75 14.08 -18.97
N VAL A 131 10.09 15.08 -18.39
CA VAL A 131 10.76 16.05 -17.52
C VAL A 131 10.14 16.11 -16.12
N SER A 132 10.98 16.01 -15.10
CA SER A 132 10.53 16.07 -13.71
C SER A 132 10.02 17.47 -13.38
N VAL A 133 8.86 17.55 -12.73
CA VAL A 133 8.29 18.84 -12.36
C VAL A 133 7.60 18.79 -11.00
N ALA A 134 7.46 19.95 -10.38
CA ALA A 134 6.78 20.05 -9.09
C ALA A 134 5.53 20.89 -9.23
N ILE A 135 4.51 20.57 -8.43
CA ILE A 135 3.25 21.28 -8.46
C ILE A 135 2.59 21.36 -7.09
N ASP A 136 1.50 22.13 -7.03
CA ASP A 136 0.69 22.25 -5.82
C ASP A 136 -0.44 21.27 -6.13
N ALA A 137 -0.42 20.14 -5.44
CA ALA A 137 -1.43 19.11 -5.65
C ALA A 137 -2.29 18.96 -4.39
N SER A 138 -2.35 20.01 -3.59
CA SER A 138 -3.10 19.98 -2.34
C SER A 138 -4.61 20.21 -2.49
N LEU A 139 -5.05 20.72 -3.64
CA LEU A 139 -6.47 20.99 -3.85
C LEU A 139 -7.29 19.70 -3.94
N THR A 140 -8.51 19.74 -3.40
CA THR A 140 -9.41 18.59 -3.44
C THR A 140 -9.72 18.20 -4.88
N SER A 141 -9.88 19.21 -5.73
CA SER A 141 -10.19 18.98 -7.14
C SER A 141 -9.10 18.13 -7.83
N PHE A 142 -7.84 18.30 -7.41
CA PHE A 142 -6.76 17.52 -8.00
C PHE A 142 -6.87 16.09 -7.50
N GLN A 143 -7.15 15.95 -6.22
CA GLN A 143 -7.30 14.64 -5.60
C GLN A 143 -8.33 13.80 -6.31
N PHE A 144 -9.41 14.43 -6.77
CA PHE A 144 -10.47 13.68 -7.43
C PHE A 144 -10.63 13.95 -8.93
N TYR A 145 -9.51 14.25 -9.58
CA TYR A 145 -9.53 14.49 -11.01
C TYR A 145 -9.92 13.20 -11.74
N SER A 146 -10.74 13.34 -12.77
CA SER A 146 -11.20 12.19 -13.54
C SER A 146 -10.80 12.29 -15.01
N LYS A 147 -11.09 13.43 -15.63
CA LYS A 147 -10.73 13.63 -17.02
C LYS A 147 -10.76 15.11 -17.38
N GLY A 148 -10.37 15.41 -18.62
CA GLY A 148 -10.35 16.79 -19.08
C GLY A 148 -9.05 17.48 -18.70
N VAL A 149 -8.97 18.78 -18.98
CA VAL A 149 -7.80 19.56 -18.64
C VAL A 149 -8.04 20.20 -17.27
N TYR A 150 -7.23 19.79 -16.29
CA TYR A 150 -7.36 20.30 -14.94
C TYR A 150 -6.93 21.75 -14.78
N TYR A 151 -7.84 22.56 -14.28
CA TYR A 151 -7.55 23.97 -14.03
C TYR A 151 -8.35 24.45 -12.83
N ASP A 152 -7.66 25.07 -11.89
CA ASP A 152 -8.30 25.59 -10.68
C ASP A 152 -7.60 26.90 -10.31
N GLU A 153 -8.36 27.99 -10.26
CA GLU A 153 -7.82 29.29 -9.92
C GLU A 153 -7.26 29.33 -8.49
N SER A 154 -7.53 28.28 -7.72
CA SER A 154 -7.06 28.21 -6.35
C SER A 154 -5.65 27.64 -6.19
N CYS A 155 -5.13 26.98 -7.23
CA CYS A 155 -3.80 26.41 -7.14
C CYS A 155 -2.77 27.49 -6.84
N ASN A 156 -1.83 27.15 -5.97
CA ASN A 156 -0.79 28.09 -5.56
C ASN A 156 0.57 27.64 -6.08
N SER A 157 1.11 28.39 -7.04
CA SER A 157 2.40 28.09 -7.63
C SER A 157 3.55 28.21 -6.62
N ASP A 158 3.29 28.89 -5.51
CA ASP A 158 4.33 29.05 -4.49
C ASP A 158 4.34 27.89 -3.51
N ASN A 159 3.35 27.02 -3.61
CA ASN A 159 3.24 25.86 -2.73
C ASN A 159 3.51 24.57 -3.50
N LEU A 160 4.79 24.27 -3.71
CA LEU A 160 5.22 23.07 -4.41
C LEU A 160 5.28 21.93 -3.39
N ASN A 161 4.22 21.13 -3.35
CA ASN A 161 4.14 20.04 -2.38
C ASN A 161 4.05 18.64 -3.00
N HIS A 162 4.32 18.54 -4.29
CA HIS A 162 4.26 17.24 -4.95
C HIS A 162 5.12 17.23 -6.21
N ALA A 163 5.76 16.10 -6.47
CA ALA A 163 6.62 15.94 -7.64
C ALA A 163 6.03 14.91 -8.58
N VAL A 164 5.92 15.29 -9.85
CA VAL A 164 5.31 14.42 -10.84
C VAL A 164 6.17 14.37 -12.12
N LEU A 165 5.64 13.81 -13.19
CA LEU A 165 6.39 13.70 -14.44
C LEU A 165 5.60 14.15 -15.67
N ALA A 166 6.16 15.11 -16.41
CA ALA A 166 5.53 15.63 -17.61
C ALA A 166 6.04 14.84 -18.82
N VAL A 167 5.20 13.98 -19.37
CA VAL A 167 5.60 13.15 -20.50
C VAL A 167 5.20 13.69 -21.87
N GLY A 168 4.59 14.87 -21.88
CA GLY A 168 4.17 15.45 -23.14
C GLY A 168 3.29 16.66 -22.96
N TYR A 169 2.67 17.11 -24.04
CA TYR A 169 1.78 18.26 -23.99
C TYR A 169 0.87 18.24 -25.22
N GLY A 170 -0.24 18.96 -25.12
CA GLY A 170 -1.17 19.02 -26.23
C GLY A 170 -2.24 20.06 -25.99
N ILE A 171 -3.41 19.85 -26.61
CA ILE A 171 -4.53 20.78 -26.48
C ILE A 171 -5.81 19.99 -26.61
N GLN A 172 -6.85 20.46 -25.93
CA GLN A 172 -8.16 19.82 -26.02
C GLN A 172 -9.23 20.90 -26.03
N LYS A 173 -9.89 21.06 -27.17
CA LYS A 173 -10.95 22.03 -27.31
C LYS A 173 -10.52 23.44 -26.87
N GLY A 174 -9.36 23.88 -27.38
CA GLY A 174 -8.87 25.20 -27.05
C GLY A 174 -8.12 25.28 -25.73
N ASN A 175 -8.10 24.20 -24.96
CA ASN A 175 -7.38 24.21 -23.70
C ASN A 175 -6.07 23.43 -23.79
N LYS A 176 -4.96 24.15 -23.71
CA LYS A 176 -3.64 23.54 -23.79
C LYS A 176 -3.32 22.80 -22.48
N HIS A 177 -2.61 21.69 -22.57
CA HIS A 177 -2.27 20.93 -21.38
C HIS A 177 -0.89 20.29 -21.39
N TRP A 178 -0.53 19.75 -20.23
CA TRP A 178 0.71 19.04 -20.01
C TRP A 178 0.26 17.61 -19.66
N ILE A 179 0.84 16.59 -20.29
CA ILE A 179 0.45 15.21 -19.97
C ILE A 179 1.30 14.82 -18.77
N ILE A 180 0.64 14.63 -17.63
CA ILE A 180 1.30 14.32 -16.37
C ILE A 180 1.07 12.92 -15.80
N LYS A 181 2.18 12.23 -15.53
CA LYS A 181 2.17 10.88 -14.96
C LYS A 181 2.34 11.03 -13.46
N ASN A 182 1.41 10.50 -12.67
CA ASN A 182 1.51 10.60 -11.21
C ASN A 182 1.99 9.26 -10.63
N SER A 183 2.21 9.24 -9.32
CA SER A 183 2.68 8.02 -8.65
C SER A 183 1.77 7.64 -7.47
N TRP A 184 0.47 7.82 -7.65
CA TRP A 184 -0.51 7.48 -6.64
C TRP A 184 -1.32 6.28 -7.09
N GLY A 185 -0.73 5.44 -7.94
CA GLY A 185 -1.43 4.26 -8.42
C GLY A 185 -2.34 4.51 -9.59
N GLU A 186 -2.81 3.43 -10.20
CA GLU A 186 -3.71 3.54 -11.36
C GLU A 186 -5.15 3.77 -10.97
N ASN A 187 -5.39 3.83 -9.66
CA ASN A 187 -6.74 4.04 -9.15
C ASN A 187 -6.98 5.53 -8.91
N TRP A 188 -6.04 6.35 -9.37
CA TRP A 188 -6.14 7.79 -9.23
C TRP A 188 -6.21 8.44 -10.61
N GLY A 189 -6.92 9.56 -10.70
CA GLY A 189 -7.05 10.26 -11.97
C GLY A 189 -7.48 9.34 -13.11
N ASN A 190 -6.90 9.57 -14.28
CA ASN A 190 -7.21 8.75 -15.45
C ASN A 190 -6.13 7.68 -15.61
N LYS A 191 -6.34 6.54 -14.97
CA LYS A 191 -5.39 5.44 -15.01
C LYS A 191 -4.03 5.91 -14.50
N GLY A 192 -4.06 6.81 -13.52
CA GLY A 192 -2.82 7.32 -12.94
C GLY A 192 -2.33 8.62 -13.56
N TYR A 193 -2.91 9.03 -14.68
CA TYR A 193 -2.52 10.25 -15.37
C TYR A 193 -3.51 11.40 -15.18
N ILE A 194 -3.03 12.61 -15.49
CA ILE A 194 -3.83 13.82 -15.41
C ILE A 194 -3.33 14.83 -16.42
N LEU A 195 -4.25 15.48 -17.13
CA LEU A 195 -3.89 16.51 -18.09
C LEU A 195 -4.00 17.83 -17.32
N MET A 196 -2.92 18.60 -17.27
CA MET A 196 -2.93 19.87 -16.54
C MET A 196 -2.77 21.09 -17.44
N ALA A 197 -3.55 22.13 -17.14
CA ALA A 197 -3.54 23.38 -17.90
C ALA A 197 -2.13 23.89 -18.22
N ARG A 198 -1.91 24.20 -19.50
CA ARG A 198 -0.63 24.70 -19.99
C ARG A 198 -0.81 26.12 -20.53
N ASN A 199 0.15 26.99 -20.23
CA ASN A 199 0.10 28.39 -20.67
C ASN A 199 -1.06 29.12 -20.01
N LYS A 200 -1.32 28.78 -18.75
CA LYS A 200 -2.39 29.40 -17.98
C LYS A 200 -1.73 30.05 -16.77
N ASN A 201 -0.75 30.90 -17.05
CA ASN A 201 0.02 31.59 -16.01
C ASN A 201 0.70 30.63 -15.04
N ASN A 202 1.26 29.56 -15.58
CA ASN A 202 1.95 28.56 -14.77
C ASN A 202 1.04 28.03 -13.66
N ALA A 203 -0.13 27.53 -14.06
CA ALA A 203 -1.10 26.99 -13.11
C ALA A 203 -0.49 25.88 -12.26
N CYS A 204 -0.65 26.00 -10.95
CA CYS A 204 -0.13 25.05 -9.98
C CYS A 204 1.40 25.05 -9.91
N GLY A 205 2.01 26.04 -10.56
CA GLY A 205 3.47 26.17 -10.56
C GLY A 205 4.23 25.06 -11.27
N ILE A 206 3.59 24.47 -12.28
CA ILE A 206 4.19 23.37 -13.03
C ILE A 206 5.58 23.65 -13.62
N ALA A 207 5.89 24.92 -13.89
CA ALA A 207 7.19 25.25 -14.45
C ALA A 207 8.15 25.88 -13.45
N ASN A 208 7.78 25.88 -12.17
CA ASN A 208 8.62 26.48 -11.14
C ASN A 208 9.80 25.63 -10.69
N LEU A 209 9.72 24.32 -10.87
CA LEU A 209 10.81 23.45 -10.45
C LEU A 209 10.92 22.23 -11.35
N ALA A 210 11.27 22.46 -12.60
CA ALA A 210 11.39 21.39 -13.58
C ALA A 210 12.84 21.16 -13.98
N SER A 211 13.22 19.89 -14.09
CA SER A 211 14.57 19.54 -14.47
C SER A 211 14.60 18.17 -15.11
N PHE A 212 15.71 17.85 -15.76
CA PHE A 212 15.86 16.55 -16.41
C PHE A 212 17.33 16.11 -16.33
N PRO A 213 17.56 14.79 -16.24
CA PRO A 213 18.92 14.26 -16.18
C PRO A 213 19.54 14.05 -17.55
N LYS A 214 20.86 14.07 -17.61
CA LYS A 214 21.57 13.83 -18.85
C LYS A 214 22.25 12.47 -18.72
N MET A 215 22.39 11.76 -19.83
CA MET A 215 23.04 10.46 -19.84
C MET A 215 24.05 10.32 -20.97
N ASP B 6 -10.36 -1.16 22.60
CA ASP B 6 -9.09 -1.94 22.39
C ASP B 6 -9.04 -3.14 23.36
N TYR B 7 -9.32 -4.33 22.86
CA TYR B 7 -9.32 -5.51 23.72
C TYR B 7 -7.95 -5.90 24.29
N ARG B 8 -6.89 -5.30 23.77
CA ARG B 8 -5.56 -5.58 24.29
C ARG B 8 -5.49 -5.03 25.71
N LYS B 9 -6.30 -4.00 25.97
CA LYS B 9 -6.36 -3.36 27.29
C LYS B 9 -7.28 -4.12 28.24
N LYS B 10 -7.91 -5.17 27.75
CA LYS B 10 -8.84 -5.94 28.55
C LYS B 10 -8.49 -7.42 28.70
N GLY B 11 -7.32 -7.81 28.22
CA GLY B 11 -6.89 -9.19 28.33
C GLY B 11 -7.69 -10.19 27.50
N TYR B 12 -8.16 -9.76 26.34
CA TYR B 12 -8.93 -10.64 25.44
C TYR B 12 -8.10 -11.10 24.24
N VAL B 13 -6.83 -10.72 24.21
CA VAL B 13 -5.98 -11.04 23.07
C VAL B 13 -4.66 -11.69 23.44
N THR B 14 -4.40 -12.87 22.86
CA THR B 14 -3.15 -13.58 23.11
C THR B 14 -2.06 -12.90 22.28
N PRO B 15 -0.80 -13.30 22.48
CA PRO B 15 0.29 -12.70 21.71
C PRO B 15 0.19 -12.99 20.21
N VAL B 16 0.85 -12.14 19.42
CA VAL B 16 0.87 -12.27 17.95
C VAL B 16 1.61 -13.52 17.49
N LYS B 17 0.99 -14.26 16.58
CA LYS B 17 1.60 -15.47 16.06
C LYS B 17 2.15 -15.27 14.65
N ASN B 18 2.96 -16.21 14.20
CA ASN B 18 3.51 -16.14 12.86
C ASN B 18 3.04 -17.37 12.11
N GLN B 19 2.27 -17.19 11.05
CA GLN B 19 1.77 -18.31 10.27
C GLN B 19 2.80 -18.97 9.37
N GLY B 20 3.92 -18.29 9.11
CA GLY B 20 4.96 -18.86 8.27
C GLY B 20 4.66 -18.97 6.79
N GLN B 21 5.24 -19.96 6.13
CA GLN B 21 5.02 -20.15 4.68
C GLN B 21 3.76 -20.93 4.36
N CYS B 22 2.83 -20.96 5.29
CA CYS B 22 1.57 -21.65 5.11
C CYS B 22 0.45 -20.60 5.11
N GLY B 23 -0.38 -20.59 4.06
CA GLY B 23 -1.47 -19.64 3.95
C GLY B 23 -2.64 -19.98 4.85
N SER B 24 -2.37 -20.02 6.15
CA SER B 24 -3.38 -20.37 7.13
C SER B 24 -3.96 -19.19 7.90
N CYS B 25 -3.82 -17.99 7.38
CA CYS B 25 -4.34 -16.82 8.06
C CYS B 25 -5.77 -17.03 8.57
N TRP B 26 -6.59 -17.69 7.77
CA TRP B 26 -7.96 -17.93 8.18
C TRP B 26 -8.01 -18.73 9.48
N ALA B 27 -7.05 -19.65 9.67
CA ALA B 27 -7.02 -20.47 10.89
C ALA B 27 -6.66 -19.60 12.09
N PHE B 28 -5.69 -18.72 11.91
CA PHE B 28 -5.28 -17.84 12.99
C PHE B 28 -6.40 -16.84 13.29
N SER B 29 -7.04 -16.33 12.25
CA SER B 29 -8.14 -15.39 12.44
C SER B 29 -9.23 -16.05 13.28
N SER B 30 -9.56 -17.30 12.94
CA SER B 30 -10.60 -18.06 13.66
C SER B 30 -10.25 -18.27 15.13
N VAL B 31 -8.98 -18.63 15.36
CA VAL B 31 -8.47 -18.87 16.70
C VAL B 31 -8.51 -17.62 17.57
N GLY B 32 -8.19 -16.47 16.99
CA GLY B 32 -8.22 -15.22 17.74
C GLY B 32 -9.61 -14.85 18.23
N ALA B 33 -10.61 -15.03 17.36
CA ALA B 33 -11.99 -14.71 17.72
C ALA B 33 -12.47 -15.66 18.81
N LEU B 34 -12.16 -16.94 18.66
CA LEU B 34 -12.56 -17.93 19.66
C LEU B 34 -11.89 -17.63 20.99
N GLU B 35 -10.62 -17.25 20.95
CA GLU B 35 -9.87 -16.91 22.16
C GLU B 35 -10.53 -15.74 22.88
N GLY B 36 -10.99 -14.76 22.10
CA GLY B 36 -11.63 -13.61 22.68
C GLY B 36 -12.88 -14.01 23.44
N GLN B 37 -13.70 -14.85 22.81
CA GLN B 37 -14.94 -15.31 23.42
C GLN B 37 -14.70 -16.22 24.63
N LEU B 38 -13.63 -16.99 24.59
CA LEU B 38 -13.30 -17.88 25.70
C LEU B 38 -13.01 -17.03 26.93
N LYS B 39 -12.26 -15.94 26.73
CA LYS B 39 -11.93 -15.04 27.82
C LYS B 39 -13.22 -14.43 28.35
N LYS B 40 -14.05 -13.94 27.44
CA LYS B 40 -15.32 -13.31 27.78
C LYS B 40 -16.26 -14.20 28.59
N LYS B 41 -16.39 -15.45 28.15
CA LYS B 41 -17.27 -16.41 28.80
C LYS B 41 -16.71 -17.13 30.03
N THR B 42 -15.44 -17.49 29.99
CA THR B 42 -14.83 -18.20 31.11
C THR B 42 -13.90 -17.36 31.99
N GLY B 43 -13.69 -16.10 31.60
CA GLY B 43 -12.81 -15.24 32.37
C GLY B 43 -11.35 -15.57 32.18
N LYS B 44 -11.07 -16.72 31.56
CA LYS B 44 -9.71 -17.17 31.32
C LYS B 44 -9.33 -17.16 29.83
N LEU B 45 -8.03 -17.04 29.56
CA LEU B 45 -7.54 -16.99 28.19
C LEU B 45 -6.32 -17.87 27.96
N LEU B 46 -6.22 -18.44 26.76
CA LEU B 46 -5.07 -19.25 26.38
C LEU B 46 -5.01 -19.45 24.87
N ASN B 47 -3.83 -19.83 24.36
CA ASN B 47 -3.64 -20.04 22.93
C ASN B 47 -4.39 -21.26 22.40
N LEU B 48 -5.25 -21.04 21.41
CA LEU B 48 -5.99 -22.14 20.80
C LEU B 48 -5.17 -22.67 19.62
N SER B 49 -5.55 -23.83 19.09
CA SER B 49 -4.79 -24.48 18.01
C SER B 49 -5.15 -24.25 16.55
N PRO B 50 -4.38 -23.41 15.85
CA PRO B 50 -4.67 -23.17 14.43
C PRO B 50 -4.35 -24.40 13.56
N GLN B 51 -3.39 -25.21 13.99
CA GLN B 51 -3.01 -26.42 13.26
C GLN B 51 -4.15 -27.45 13.30
N ASN B 52 -4.89 -27.45 14.40
CA ASN B 52 -6.02 -28.34 14.59
C ASN B 52 -7.03 -28.04 13.46
N LEU B 53 -7.21 -26.75 13.19
CA LEU B 53 -8.13 -26.30 12.15
C LEU B 53 -7.59 -26.59 10.76
N VAL B 54 -6.35 -26.21 10.51
CA VAL B 54 -5.72 -26.44 9.21
C VAL B 54 -5.82 -27.92 8.81
N ASP B 55 -5.64 -28.82 9.78
CA ASP B 55 -5.69 -30.25 9.48
C ASP B 55 -7.05 -30.92 9.55
N CYS B 56 -8.01 -30.31 10.24
CA CYS B 56 -9.31 -30.95 10.40
C CYS B 56 -10.53 -30.33 9.75
N VAL B 57 -10.43 -29.11 9.27
CA VAL B 57 -11.58 -28.48 8.61
C VAL B 57 -11.52 -28.89 7.14
N SER B 58 -12.02 -30.08 6.84
CA SER B 58 -12.01 -30.60 5.47
C SER B 58 -12.74 -29.71 4.47
N GLU B 59 -13.49 -28.72 4.94
CA GLU B 59 -14.19 -27.84 4.01
C GLU B 59 -13.22 -26.76 3.53
N ASN B 60 -12.07 -26.68 4.20
CA ASN B 60 -11.06 -25.70 3.83
C ASN B 60 -9.91 -26.42 3.15
N ASP B 61 -8.96 -25.66 2.61
CA ASP B 61 -7.83 -26.27 1.91
C ASP B 61 -6.55 -26.17 2.70
N GLY B 62 -6.68 -26.09 4.03
CA GLY B 62 -5.51 -25.99 4.88
C GLY B 62 -4.63 -24.78 4.57
N CYS B 63 -3.40 -25.05 4.14
CA CYS B 63 -2.48 -23.97 3.80
C CYS B 63 -2.84 -23.38 2.45
N GLY B 64 -3.80 -24.03 1.78
CA GLY B 64 -4.22 -23.57 0.47
C GLY B 64 -5.34 -22.55 0.50
N GLY B 65 -5.87 -22.28 1.69
CA GLY B 65 -6.94 -21.32 1.80
C GLY B 65 -8.09 -21.82 2.65
N GLY B 66 -9.14 -21.00 2.75
CA GLY B 66 -10.30 -21.38 3.55
C GLY B 66 -11.02 -20.20 4.18
N TYR B 67 -12.19 -20.46 4.75
CA TYR B 67 -12.99 -19.42 5.40
C TYR B 67 -13.13 -19.65 6.90
N MET B 68 -13.26 -18.56 7.64
CA MET B 68 -13.40 -18.65 9.08
C MET B 68 -14.73 -19.30 9.49
N THR B 69 -15.80 -19.02 8.76
CA THR B 69 -17.09 -19.61 9.10
C THR B 69 -17.02 -21.13 9.11
N ASN B 70 -16.28 -21.72 8.18
CA ASN B 70 -16.13 -23.17 8.14
C ASN B 70 -15.38 -23.65 9.37
N ALA B 71 -14.51 -22.80 9.91
CA ALA B 71 -13.73 -23.15 11.10
C ALA B 71 -14.64 -23.25 12.32
N PHE B 72 -15.50 -22.24 12.47
CA PHE B 72 -16.42 -22.19 13.59
C PHE B 72 -17.37 -23.38 13.54
N GLN B 73 -17.87 -23.68 12.34
CA GLN B 73 -18.78 -24.80 12.16
C GLN B 73 -18.09 -26.09 12.58
N TYR B 74 -16.82 -26.23 12.19
CA TYR B 74 -16.05 -27.42 12.54
C TYR B 74 -15.93 -27.59 14.05
N VAL B 75 -15.51 -26.52 14.74
CA VAL B 75 -15.37 -26.59 16.19
C VAL B 75 -16.73 -26.91 16.83
N GLN B 76 -17.81 -26.36 16.28
CA GLN B 76 -19.14 -26.62 16.82
C GLN B 76 -19.51 -28.09 16.72
N LYS B 77 -19.47 -28.63 15.51
CA LYS B 77 -19.82 -30.04 15.28
C LYS B 77 -18.80 -31.02 15.84
N ASN B 78 -17.56 -30.58 16.02
CA ASN B 78 -16.51 -31.44 16.55
C ASN B 78 -16.60 -31.51 18.07
N ARG B 79 -17.33 -30.54 18.63
CA ARG B 79 -17.53 -30.40 20.07
C ARG B 79 -16.25 -29.94 20.75
N GLY B 80 -15.46 -29.15 20.05
CA GLY B 80 -14.24 -28.64 20.64
C GLY B 80 -13.09 -28.36 19.68
N ILE B 81 -12.12 -27.63 20.21
CA ILE B 81 -10.91 -27.28 19.48
C ILE B 81 -9.80 -27.39 20.52
N ASP B 82 -8.66 -27.93 20.13
CA ASP B 82 -7.55 -28.09 21.06
C ASP B 82 -6.80 -26.79 21.36
N SER B 83 -6.04 -26.81 22.44
CA SER B 83 -5.21 -25.69 22.83
C SER B 83 -3.98 -25.79 21.93
N GLU B 84 -3.25 -24.70 21.80
CA GLU B 84 -2.03 -24.71 20.99
C GLU B 84 -1.09 -25.78 21.55
N ASP B 85 -0.92 -25.79 22.87
CA ASP B 85 -0.03 -26.75 23.50
C ASP B 85 -0.35 -28.21 23.18
N ALA B 86 -1.64 -28.53 23.11
CA ALA B 86 -2.08 -29.88 22.83
C ALA B 86 -2.04 -30.26 21.36
N TYR B 87 -1.84 -29.26 20.50
CA TYR B 87 -1.81 -29.48 19.06
C TYR B 87 -1.05 -28.27 18.49
N PRO B 88 0.29 -28.28 18.64
CA PRO B 88 1.24 -27.26 18.20
C PRO B 88 1.29 -26.99 16.70
N TYR B 89 1.54 -25.74 16.36
CA TYR B 89 1.60 -25.30 14.98
C TYR B 89 2.90 -25.66 14.27
N VAL B 90 2.78 -26.29 13.10
CA VAL B 90 3.94 -26.67 12.32
C VAL B 90 3.98 -26.03 10.94
N GLY B 91 2.94 -25.25 10.63
CA GLY B 91 2.87 -24.58 9.35
C GLY B 91 2.82 -25.47 8.12
N GLN B 92 2.23 -26.65 8.27
CA GLN B 92 2.13 -27.59 7.15
C GLN B 92 0.92 -28.49 7.37
N GLU B 93 0.22 -28.83 6.29
CA GLU B 93 -0.95 -29.69 6.39
C GLU B 93 -0.56 -31.15 6.62
N GLU B 94 -1.20 -31.76 7.61
CA GLU B 94 -0.97 -33.16 7.96
C GLU B 94 -2.36 -33.75 8.18
N SER B 95 -2.42 -35.03 8.49
CA SER B 95 -3.71 -35.66 8.75
C SER B 95 -4.23 -35.09 10.07
N CYS B 96 -5.55 -34.97 10.17
CA CYS B 96 -6.17 -34.44 11.38
C CYS B 96 -5.79 -35.28 12.61
N MET B 97 -5.20 -34.63 13.61
CA MET B 97 -4.78 -35.32 14.82
C MET B 97 -5.50 -34.79 16.06
N TYR B 98 -6.72 -34.30 15.88
CA TYR B 98 -7.50 -33.79 17.00
C TYR B 98 -7.61 -34.82 18.13
N ASN B 99 -7.47 -34.35 19.37
CA ASN B 99 -7.60 -35.21 20.53
C ASN B 99 -8.46 -34.46 21.53
N PRO B 100 -9.64 -35.01 21.86
CA PRO B 100 -10.54 -34.34 22.80
C PRO B 100 -9.96 -34.04 24.19
N THR B 101 -8.90 -34.73 24.59
CA THR B 101 -8.31 -34.46 25.90
C THR B 101 -7.61 -33.11 25.96
N GLY B 102 -7.34 -32.54 24.79
CA GLY B 102 -6.67 -31.26 24.74
C GLY B 102 -7.65 -30.13 24.47
N LYS B 103 -8.93 -30.47 24.44
CA LYS B 103 -9.99 -29.51 24.21
C LYS B 103 -9.87 -28.32 25.16
N ALA B 104 -9.84 -27.11 24.62
CA ALA B 104 -9.72 -25.90 25.44
C ALA B 104 -10.82 -24.88 25.15
N ALA B 105 -11.69 -25.20 24.21
CA ALA B 105 -12.79 -24.31 23.86
C ALA B 105 -13.84 -25.01 23.01
N LYS B 106 -15.06 -24.48 23.04
CA LYS B 106 -16.16 -25.03 22.27
C LYS B 106 -16.87 -23.89 21.54
N CYS B 107 -17.68 -24.24 20.53
CA CYS B 107 -18.38 -23.25 19.73
C CYS B 107 -19.84 -23.65 19.55
N ARG B 108 -20.74 -22.68 19.62
CA ARG B 108 -22.18 -22.93 19.48
C ARG B 108 -22.75 -22.35 18.20
N GLY B 109 -21.88 -21.99 17.27
CA GLY B 109 -22.35 -21.42 16.01
C GLY B 109 -21.56 -20.18 15.69
N TYR B 110 -22.07 -19.39 14.74
CA TYR B 110 -21.40 -18.16 14.33
C TYR B 110 -22.41 -17.18 13.78
N ARG B 111 -22.02 -15.91 13.72
CA ARG B 111 -22.87 -14.86 13.20
C ARG B 111 -22.05 -14.04 12.20
N GLU B 112 -22.68 -13.60 11.12
CA GLU B 112 -22.01 -12.80 10.11
C GLU B 112 -22.44 -11.36 10.17
N ILE B 113 -21.48 -10.44 10.11
CA ILE B 113 -21.77 -9.02 10.15
C ILE B 113 -22.30 -8.63 8.77
N PRO B 114 -23.39 -7.82 8.74
CA PRO B 114 -23.97 -7.37 7.48
C PRO B 114 -22.90 -6.89 6.51
N GLU B 115 -22.89 -7.49 5.32
CA GLU B 115 -21.91 -7.18 4.29
C GLU B 115 -21.61 -5.69 4.09
N GLY B 116 -20.32 -5.35 4.19
CA GLY B 116 -19.87 -3.98 3.98
C GLY B 116 -20.28 -2.89 4.96
N ASN B 117 -20.90 -3.27 6.07
CA ASN B 117 -21.36 -2.29 7.05
C ASN B 117 -20.36 -2.08 8.18
N GLU B 118 -19.57 -1.01 8.09
CA GLU B 118 -18.57 -0.73 9.13
C GLU B 118 -19.24 -0.32 10.44
N LYS B 119 -20.47 0.19 10.33
CA LYS B 119 -21.20 0.60 11.52
C LYS B 119 -21.56 -0.68 12.27
N ALA B 120 -22.16 -1.63 11.55
CA ALA B 120 -22.52 -2.92 12.14
C ALA B 120 -21.30 -3.61 12.71
N LEU B 121 -20.18 -3.55 11.98
CA LEU B 121 -18.93 -4.16 12.46
C LEU B 121 -18.46 -3.52 13.76
N LYS B 122 -18.58 -2.21 13.87
CA LYS B 122 -18.16 -1.50 15.08
C LYS B 122 -19.00 -1.93 16.28
N ARG B 123 -20.30 -2.06 16.06
CA ARG B 123 -21.21 -2.45 17.13
C ARG B 123 -20.94 -3.89 17.55
N ALA B 124 -20.52 -4.72 16.60
CA ALA B 124 -20.21 -6.11 16.88
C ALA B 124 -18.96 -6.19 17.74
N VAL B 125 -17.90 -5.51 17.31
CA VAL B 125 -16.65 -5.51 18.04
C VAL B 125 -16.84 -5.08 19.50
N ALA B 126 -17.62 -4.03 19.71
CA ALA B 126 -17.85 -3.51 21.06
C ALA B 126 -18.69 -4.43 21.95
N ARG B 127 -19.76 -4.99 21.39
CA ARG B 127 -20.68 -5.85 22.13
C ARG B 127 -20.22 -7.30 22.28
N VAL B 128 -19.52 -7.81 21.27
CA VAL B 128 -19.06 -9.20 21.30
C VAL B 128 -17.57 -9.37 21.62
N GLY B 129 -16.72 -8.57 20.98
CA GLY B 129 -15.29 -8.68 21.21
C GLY B 129 -14.55 -8.81 19.90
N PRO B 130 -13.31 -9.35 19.89
CA PRO B 130 -12.55 -9.50 18.64
C PRO B 130 -13.37 -10.21 17.55
N VAL B 131 -13.35 -9.65 16.35
CA VAL B 131 -14.10 -10.20 15.23
C VAL B 131 -13.19 -10.56 14.06
N SER B 132 -13.40 -11.75 13.49
CA SER B 132 -12.62 -12.18 12.35
C SER B 132 -13.08 -11.39 11.12
N VAL B 133 -12.13 -10.89 10.34
CA VAL B 133 -12.44 -10.13 9.13
C VAL B 133 -11.49 -10.48 8.01
N ALA B 134 -11.91 -10.23 6.77
CA ALA B 134 -11.10 -10.50 5.59
C ALA B 134 -10.83 -9.18 4.90
N ILE B 135 -9.65 -9.06 4.30
CA ILE B 135 -9.25 -7.84 3.64
C ILE B 135 -8.34 -8.12 2.46
N ASP B 136 -8.08 -7.07 1.70
CA ASP B 136 -7.18 -7.14 0.57
C ASP B 136 -5.85 -6.63 1.13
N ALA B 137 -4.91 -7.53 1.32
CA ALA B 137 -3.60 -7.18 1.86
C ALA B 137 -2.50 -7.42 0.84
N SER B 138 -2.85 -7.37 -0.43
CA SER B 138 -1.89 -7.62 -1.50
C SER B 138 -1.00 -6.44 -1.88
N LEU B 139 -1.33 -5.24 -1.41
CA LEU B 139 -0.54 -4.05 -1.73
C LEU B 139 0.79 -3.92 -0.98
N THR B 140 1.78 -3.36 -1.67
CA THR B 140 3.10 -3.15 -1.10
C THR B 140 2.98 -2.29 0.17
N SER B 141 2.06 -1.35 0.16
CA SER B 141 1.83 -0.47 1.30
C SER B 141 1.38 -1.23 2.54
N PHE B 142 0.60 -2.27 2.35
CA PHE B 142 0.14 -3.07 3.48
C PHE B 142 1.28 -4.00 3.89
N GLN B 143 1.87 -4.65 2.90
CA GLN B 143 2.97 -5.59 3.12
C GLN B 143 4.07 -5.00 3.99
N PHE B 144 4.45 -3.75 3.75
CA PHE B 144 5.52 -3.16 4.55
C PHE B 144 5.11 -2.03 5.49
N TYR B 145 3.86 -2.04 5.94
CA TYR B 145 3.37 -1.03 6.86
C TYR B 145 4.18 -0.99 8.14
N SER B 146 4.32 0.21 8.72
CA SER B 146 5.06 0.35 9.96
C SER B 146 4.18 0.98 11.04
N LYS B 147 3.67 2.18 10.77
CA LYS B 147 2.81 2.86 11.73
C LYS B 147 1.79 3.79 11.05
N GLY B 148 0.91 4.39 11.85
CA GLY B 148 -0.09 5.29 11.29
C GLY B 148 -1.36 4.56 10.85
N VAL B 149 -2.34 5.32 10.35
CA VAL B 149 -3.61 4.76 9.89
C VAL B 149 -3.47 4.37 8.42
N TYR B 150 -3.41 3.07 8.17
CA TYR B 150 -3.24 2.55 6.83
C TYR B 150 -4.36 2.84 5.82
N TYR B 151 -3.96 3.36 4.67
CA TYR B 151 -4.89 3.64 3.60
C TYR B 151 -4.12 3.60 2.28
N ASP B 152 -4.76 3.06 1.25
CA ASP B 152 -4.16 2.97 -0.08
C ASP B 152 -5.32 2.92 -1.06
N GLU B 153 -5.45 3.93 -1.91
CA GLU B 153 -6.54 3.97 -2.87
C GLU B 153 -6.64 2.77 -3.80
N SER B 154 -5.54 2.05 -3.97
CA SER B 154 -5.53 0.87 -4.83
C SER B 154 -6.16 -0.37 -4.18
N CYS B 155 -6.46 -0.30 -2.89
CA CYS B 155 -7.07 -1.45 -2.22
C CYS B 155 -8.39 -1.81 -2.89
N ASN B 156 -8.56 -3.09 -3.21
CA ASN B 156 -9.76 -3.59 -3.85
C ASN B 156 -10.61 -4.36 -2.85
N SER B 157 -11.73 -3.77 -2.44
CA SER B 157 -12.63 -4.38 -1.49
C SER B 157 -13.19 -5.73 -1.96
N ASP B 158 -13.04 -6.01 -3.25
CA ASP B 158 -13.51 -7.27 -3.79
C ASP B 158 -12.38 -8.27 -3.97
N ASN B 159 -11.24 -7.98 -3.37
CA ASN B 159 -10.10 -8.87 -3.45
C ASN B 159 -9.67 -9.28 -2.03
N LEU B 160 -10.52 -10.04 -1.36
CA LEU B 160 -10.25 -10.51 -0.01
C LEU B 160 -9.31 -11.71 -0.11
N ASN B 161 -8.04 -11.48 0.18
CA ASN B 161 -7.02 -12.52 0.08
C ASN B 161 -6.27 -12.78 1.39
N HIS B 162 -6.80 -12.24 2.48
CA HIS B 162 -6.15 -12.42 3.79
C HIS B 162 -7.19 -12.33 4.90
N ALA B 163 -7.00 -13.12 5.95
CA ALA B 163 -7.91 -13.14 7.10
C ALA B 163 -7.15 -12.59 8.30
N VAL B 164 -7.81 -11.70 9.03
CA VAL B 164 -7.17 -11.05 10.16
C VAL B 164 -8.16 -10.89 11.33
N LEU B 165 -7.75 -10.22 12.41
CA LEU B 165 -8.64 -10.04 13.55
C LEU B 165 -8.77 -8.60 14.02
N ALA B 166 -9.99 -8.10 14.01
CA ALA B 166 -10.27 -6.74 14.45
C ALA B 166 -10.48 -6.82 15.97
N VAL B 167 -9.49 -6.33 16.72
CA VAL B 167 -9.53 -6.36 18.18
C VAL B 167 -9.93 -5.03 18.79
N GLY B 168 -10.29 -4.07 17.96
CA GLY B 168 -10.70 -2.77 18.49
C GLY B 168 -10.82 -1.72 17.41
N TYR B 169 -11.06 -0.48 17.85
CA TYR B 169 -11.20 0.62 16.92
C TYR B 169 -11.01 1.92 17.67
N GLY B 170 -10.75 2.98 16.92
CA GLY B 170 -10.53 4.25 17.54
C GLY B 170 -10.13 5.27 16.50
N ILE B 171 -9.38 6.27 16.93
CA ILE B 171 -8.95 7.31 16.03
C ILE B 171 -7.52 7.73 16.35
N GLN B 172 -6.76 7.98 15.30
CA GLN B 172 -5.37 8.39 15.40
C GLN B 172 -5.15 9.65 14.57
N LYS B 173 -4.63 10.68 15.21
CA LYS B 173 -4.34 11.93 14.54
C LYS B 173 -5.45 12.32 13.56
N GLY B 174 -6.68 12.41 14.07
CA GLY B 174 -7.82 12.81 13.25
C GLY B 174 -8.41 11.77 12.32
N ASN B 175 -7.80 10.60 12.20
CA ASN B 175 -8.34 9.57 11.32
C ASN B 175 -8.79 8.30 12.03
N LYS B 176 -10.07 7.96 11.86
CA LYS B 176 -10.66 6.78 12.49
C LYS B 176 -10.02 5.51 11.97
N HIS B 177 -9.90 4.50 12.83
CA HIS B 177 -9.26 3.25 12.44
C HIS B 177 -9.83 2.02 13.12
N TRP B 178 -9.34 0.87 12.66
CA TRP B 178 -9.67 -0.43 13.21
C TRP B 178 -8.32 -0.93 13.75
N ILE B 179 -8.31 -1.57 14.91
CA ILE B 179 -7.06 -2.11 15.47
C ILE B 179 -7.01 -3.57 15.02
N ILE B 180 -6.11 -3.84 14.09
CA ILE B 180 -5.96 -5.16 13.49
C ILE B 180 -4.77 -6.02 13.92
N LYS B 181 -5.07 -7.23 14.39
CA LYS B 181 -4.02 -8.16 14.79
C LYS B 181 -3.78 -9.07 13.60
N ASN B 182 -2.53 -9.11 13.13
CA ASN B 182 -2.17 -9.97 11.98
C ASN B 182 -1.52 -11.23 12.52
N SER B 183 -1.09 -12.11 11.62
CA SER B 183 -0.44 -13.36 12.00
C SER B 183 0.86 -13.53 11.22
N TRP B 184 1.56 -12.42 10.98
CA TRP B 184 2.82 -12.46 10.26
C TRP B 184 3.99 -12.24 11.21
N GLY B 185 3.79 -12.55 12.49
CA GLY B 185 4.84 -12.38 13.47
C GLY B 185 4.85 -11.01 14.14
N GLU B 186 5.61 -10.88 15.22
CA GLU B 186 5.69 -9.63 15.94
C GLU B 186 6.53 -8.57 15.23
N ASN B 187 7.49 -9.00 14.42
CA ASN B 187 8.36 -8.08 13.71
C ASN B 187 7.67 -7.36 12.57
N TRP B 188 6.50 -7.85 12.17
CA TRP B 188 5.75 -7.23 11.09
C TRP B 188 4.93 -6.06 11.62
N GLY B 189 4.76 -5.02 10.81
CA GLY B 189 3.98 -3.86 11.20
C GLY B 189 4.37 -3.24 12.53
N ASN B 190 3.38 -2.85 13.32
CA ASN B 190 3.66 -2.26 14.62
C ASN B 190 3.48 -3.35 15.66
N LYS B 191 4.54 -4.11 15.89
CA LYS B 191 4.54 -5.21 16.86
C LYS B 191 3.48 -6.24 16.48
N GLY B 192 3.35 -6.51 15.19
CA GLY B 192 2.38 -7.49 14.74
C GLY B 192 1.01 -6.94 14.36
N TYR B 193 0.79 -5.65 14.66
CA TYR B 193 -0.48 -4.99 14.37
C TYR B 193 -0.43 -3.95 13.26
N ILE B 194 -1.61 -3.55 12.80
CA ILE B 194 -1.77 -2.52 11.80
C ILE B 194 -3.11 -1.81 12.05
N LEU B 195 -3.08 -0.48 11.99
CA LEU B 195 -4.30 0.31 12.15
C LEU B 195 -4.79 0.54 10.73
N MET B 196 -6.06 0.22 10.47
CA MET B 196 -6.63 0.38 9.14
C MET B 196 -7.77 1.38 9.12
N ALA B 197 -7.82 2.19 8.07
CA ALA B 197 -8.85 3.21 7.91
C ALA B 197 -10.25 2.65 8.11
N ARG B 198 -11.01 3.32 8.98
CA ARG B 198 -12.38 2.95 9.29
C ARG B 198 -13.32 4.05 8.76
N ASN B 199 -14.49 3.65 8.27
CA ASN B 199 -15.46 4.61 7.74
C ASN B 199 -14.87 5.38 6.56
N LYS B 200 -14.07 4.69 5.76
CA LYS B 200 -13.49 5.30 4.59
C LYS B 200 -13.93 4.44 3.42
N ASN B 201 -15.24 4.32 3.29
CA ASN B 201 -15.88 3.54 2.23
C ASN B 201 -15.48 2.07 2.25
N ASN B 202 -15.37 1.50 3.45
CA ASN B 202 -15.01 0.09 3.61
C ASN B 202 -13.70 -0.21 2.89
N ALA B 203 -12.65 0.51 3.27
CA ALA B 203 -11.35 0.35 2.67
C ALA B 203 -10.81 -1.07 2.83
N CYS B 204 -10.35 -1.62 1.72
CA CYS B 204 -9.79 -2.97 1.63
C CYS B 204 -10.83 -4.05 1.94
N GLY B 205 -12.10 -3.67 1.95
CA GLY B 205 -13.18 -4.61 2.20
C GLY B 205 -13.23 -5.21 3.59
N ILE B 206 -12.69 -4.50 4.57
CA ILE B 206 -12.65 -5.00 5.94
C ILE B 206 -13.98 -5.46 6.55
N ALA B 207 -15.10 -4.98 6.01
CA ALA B 207 -16.38 -5.39 6.56
C ALA B 207 -17.21 -6.21 5.55
N ASN B 208 -16.53 -6.74 4.54
CA ASN B 208 -17.19 -7.53 3.51
C ASN B 208 -17.36 -8.99 3.87
N LEU B 209 -16.54 -9.50 4.79
CA LEU B 209 -16.63 -10.90 5.20
C LEU B 209 -16.19 -11.05 6.65
N ALA B 210 -16.93 -10.44 7.56
CA ALA B 210 -16.63 -10.49 8.98
C ALA B 210 -17.61 -11.39 9.71
N SER B 211 -17.12 -12.06 10.74
CA SER B 211 -17.93 -12.99 11.52
C SER B 211 -17.29 -13.29 12.87
N PHE B 212 -18.07 -13.86 13.78
CA PHE B 212 -17.57 -14.22 15.09
C PHE B 212 -18.30 -15.47 15.58
N PRO B 213 -17.66 -16.28 16.43
CA PRO B 213 -18.28 -17.50 16.95
C PRO B 213 -19.22 -17.25 18.11
N LYS B 214 -20.17 -18.17 18.30
CA LYS B 214 -21.11 -18.11 19.39
C LYS B 214 -20.55 -19.07 20.44
N MET B 215 -20.59 -18.66 21.69
CA MET B 215 -20.09 -19.49 22.78
C MET B 215 -21.05 -19.30 23.93
C1 ORH C . 1.11 16.27 1.21
F1 ORH C . 10.42 19.12 -4.89
N1 ORH C . 0.24 16.08 0.11
O1 ORH C . 4.23 14.01 -0.10
C2 ORH C . 2.49 16.23 0.56
F2 ORH C . 8.94 20.57 -5.08
N2 ORH C . 4.84 16.27 0.44
O2 ORH C . 5.57 18.41 0.81
C3 ORH C . 3.76 16.40 1.40
F3 ORH C . 8.46 18.48 -5.45
N3 ORH C . 6.67 17.26 -0.93
C4 ORH C . 5.67 17.38 0.15
N4 ORH C . 6.73 16.03 -1.67
C5 ORH C . 4.97 15.03 -0.35
C6 ORH C . 5.91 14.95 -1.40
C7 ORH C . 7.90 18.34 -2.77
C8 ORH C . 8.84 19.26 -3.28
C9 ORH C . 7.63 18.27 -1.36
C10 ORH C . 9.53 20.15 -2.39
C11 ORH C . 8.33 19.18 -0.44
C12 ORH C . 9.27 20.11 -0.98
C13 ORH C . 9.16 19.35 -4.72
C14 ORH C . 5.87 13.91 -2.38
C15 ORH C . -0.91 15.25 0.46
N15 ORH C . 5.11 12.79 -2.12
C17 ORH C . -1.87 15.06 -0.70
C18 ORH C . -0.12 17.41 -0.47
C19 ORH C . -2.25 16.49 -1.15
C20 ORH C . -1.03 17.28 -1.66
C1 ORH D . -1.29 -14.04 -0.97
F1 ORH D . -11.38 -15.52 3.94
N1 ORH D . -0.95 -12.92 -0.19
O1 ORH D . -2.34 -16.49 2.10
C2 ORH D . -2.40 -14.69 -0.16
F2 ORH D . -11.52 -14.04 2.50
N2 ORH D . -4.06 -16.26 0.46
O2 ORH D . -5.85 -16.08 -0.98
C3 ORH D . -3.10 -15.98 -0.62
F3 ORH D . -9.92 -14.01 3.97
N3 ORH D . -6.38 -16.36 1.31
C4 ORH D . -5.45 -16.22 0.18
N4 ORH D . -5.87 -16.51 2.63
C5 ORH D . -3.58 -16.44 1.83
C6 ORH D . -4.51 -16.54 2.91
C7 ORH D . -8.52 -15.55 2.20
C8 ORH D . -9.93 -15.56 2.25
C9 ORH D . -7.82 -16.38 1.26
C10 ORH D . -10.67 -16.39 1.32
C11 ORH D . -8.58 -17.22 0.33
C12 ORH D . -10.00 -17.22 0.37
C13 ORH D . -10.69 -14.75 3.19
C14 ORH D . -4.14 -16.42 4.28
C15 ORH D . 0.39 -13.07 0.43
N15 ORH D . -2.79 -16.51 4.58
C17 ORH D . 0.79 -11.88 1.26
C18 ORH D . -1.10 -11.65 -0.98
C19 ORH D . 0.67 -10.66 0.34
C20 ORH D . -0.78 -10.43 -0.16
#